data_4OIU
#
_entry.id   4OIU
#
_cell.length_a   54.275
_cell.length_b   66.109
_cell.length_c   70.200
_cell.angle_alpha   90.00
_cell.angle_beta   90.00
_cell.angle_gamma   90.00
#
_symmetry.space_group_name_H-M   'P 21 21 21'
#
loop_
_entity.id
_entity.type
_entity.pdbx_description
1 polymer 'Androgen receptor'
2 polymer 'co-regulator peptide'
3 non-polymer HYDROXYFLUTAMIDE
4 water water
#
loop_
_entity_poly.entity_id
_entity_poly.type
_entity_poly.pdbx_seq_one_letter_code
_entity_poly.pdbx_strand_id
1 'polypeptide(L)'
;QPIFLNVLEAIEPGVVCAGHDNNQPDSFAALLSSLNELGERQLVHVVKWAKALPGFRNLHVDDQMAVIQYSWMGLMVFAM
GWRSFTNVNSAMLYFAPDLVFNEYRMHKSRMYSQCVRMRHLSQEFGWLQITPQEFLCMKALLLFSIIPVDGLKNQKFFDE
LRMNYIKELDRIIACKRKNPTSCSRRFYQLTKLLDSVQPIARELHQFAFDLLIKSHMVSVDFPEMMAEIISVQVPKILSG
KVKPIYFHTQ
;
A
2 'polypeptide(L)' ANSSFRDWYTSS B
#
loop_
_chem_comp.id
_chem_comp.type
_chem_comp.name
_chem_comp.formula
HFT non-polymer HYDROXYFLUTAMIDE 'C11 H11 F3 N2 O4'
#
# COMPACT_ATOMS: atom_id res chain seq x y z
N GLN A 1 -5.50 2.70 -24.05
CA GLN A 1 -4.93 3.00 -25.40
C GLN A 1 -3.50 2.44 -25.60
N PRO A 2 -2.58 2.76 -24.67
CA PRO A 2 -1.26 2.34 -25.05
C PRO A 2 -1.02 0.90 -24.64
N ILE A 3 0.23 0.50 -24.87
CA ILE A 3 0.81 -0.71 -24.36
C ILE A 3 0.77 -0.67 -22.83
N PHE A 4 1.10 0.49 -22.26
CA PHE A 4 1.22 0.67 -20.79
C PHE A 4 -0.04 0.14 -20.11
N LEU A 5 -1.19 0.67 -20.49
CA LEU A 5 -2.46 0.32 -19.86
C LEU A 5 -2.81 -1.16 -19.91
N ASN A 6 -2.47 -1.84 -21.01
CA ASN A 6 -2.62 -3.29 -21.08
C ASN A 6 -1.88 -3.97 -19.97
N VAL A 7 -0.67 -3.50 -19.71
CA VAL A 7 0.18 -4.14 -18.71
C VAL A 7 -0.37 -4.04 -17.29
N LEU A 8 -0.62 -2.82 -16.83
CA LEU A 8 -1.18 -2.64 -15.51
C LEU A 8 -2.40 -3.54 -15.27
N GLU A 9 -3.34 -3.53 -16.21
CA GLU A 9 -4.48 -4.43 -16.20
C GLU A 9 -3.98 -5.87 -16.05
N ALA A 10 -3.31 -6.36 -17.08
CA ALA A 10 -2.87 -7.74 -17.15
C ALA A 10 -2.26 -8.19 -15.83
N ILE A 11 -1.32 -7.41 -15.31
CA ILE A 11 -0.54 -7.80 -14.13
C ILE A 11 -1.26 -7.59 -12.81
N GLU A 12 -2.38 -6.88 -12.86
CA GLU A 12 -3.11 -6.53 -11.64
C GLU A 12 -3.51 -7.85 -10.93
N PRO A 13 -3.16 -7.98 -9.64
CA PRO A 13 -3.41 -9.27 -8.94
C PRO A 13 -4.90 -9.59 -8.84
N GLY A 14 -5.20 -10.77 -8.32
CA GLY A 14 -6.59 -11.12 -8.10
C GLY A 14 -7.03 -11.00 -6.66
N VAL A 15 -8.20 -11.57 -6.40
CA VAL A 15 -8.75 -11.72 -5.06
C VAL A 15 -7.72 -12.44 -4.17
N VAL A 16 -7.49 -11.89 -2.98
CA VAL A 16 -6.65 -12.53 -1.99
C VAL A 16 -7.43 -12.58 -0.69
N CYS A 17 -7.62 -13.79 -0.18
CA CYS A 17 -8.33 -13.99 1.08
C CYS A 17 -7.39 -13.95 2.30
N ALA A 18 -8.00 -13.74 3.48
CA ALA A 18 -7.29 -13.77 4.76
C ALA A 18 -7.55 -15.03 5.62
N GLY A 19 -8.56 -15.82 5.26
CA GLY A 19 -8.87 -17.06 5.98
C GLY A 19 -9.35 -16.86 7.40
N HIS A 20 -10.14 -15.82 7.62
CA HIS A 20 -10.60 -15.46 8.97
C HIS A 20 -11.82 -16.30 9.37
N ASP A 21 -11.85 -16.74 10.65
CA ASP A 21 -13.02 -17.42 11.24
C ASP A 21 -14.15 -16.41 11.52
N ASN A 22 -14.95 -16.13 10.50
CA ASN A 22 -16.06 -15.17 10.62
C ASN A 22 -17.21 -15.63 11.52
N ASN A 23 -16.94 -16.64 12.34
CA ASN A 23 -17.97 -17.28 13.15
C ASN A 23 -17.76 -16.97 14.61
N GLN A 24 -16.53 -17.18 15.07
CA GLN A 24 -16.15 -16.78 16.41
C GLN A 24 -16.14 -15.23 16.49
N PRO A 25 -16.32 -14.66 17.69
CA PRO A 25 -16.38 -13.20 17.90
C PRO A 25 -15.09 -12.43 17.61
N ASP A 26 -15.14 -11.11 17.78
CA ASP A 26 -14.09 -10.21 17.32
C ASP A 26 -13.12 -9.79 18.41
N SER A 27 -12.22 -10.69 18.77
CA SER A 27 -11.11 -10.31 19.64
C SER A 27 -10.13 -9.45 18.85
N PHE A 28 -9.39 -8.61 19.58
CA PHE A 28 -8.27 -7.91 19.02
C PHE A 28 -7.30 -8.94 18.39
N ALA A 29 -6.88 -9.90 19.22
CA ALA A 29 -5.91 -10.94 18.82
C ALA A 29 -6.34 -11.70 17.58
N ALA A 30 -7.59 -12.16 17.56
CA ALA A 30 -8.08 -12.83 16.38
C ALA A 30 -7.99 -11.88 15.19
N LEU A 31 -8.58 -10.70 15.32
CA LEU A 31 -8.63 -9.75 14.22
C LEU A 31 -7.26 -9.48 13.63
N LEU A 32 -6.31 -9.09 14.49
CA LEU A 32 -4.99 -8.64 14.04
C LEU A 32 -4.04 -9.77 13.58
N SER A 33 -4.26 -10.99 14.08
CA SER A 33 -3.57 -12.17 13.56
C SER A 33 -3.93 -12.48 12.09
N SER A 34 -5.12 -12.04 11.67
CA SER A 34 -5.59 -12.22 10.31
C SER A 34 -5.18 -11.05 9.42
N LEU A 35 -5.00 -9.89 10.00
CA LEU A 35 -4.54 -8.77 9.20
C LEU A 35 -3.11 -8.96 8.86
N ASN A 36 -2.32 -9.45 9.84
CA ASN A 36 -0.89 -9.78 9.66
C ASN A 36 -0.69 -10.82 8.61
N GLU A 37 -1.52 -11.85 8.68
CA GLU A 37 -1.61 -12.84 7.62
C GLU A 37 -2.08 -12.25 6.28
N LEU A 38 -3.02 -11.31 6.31
CA LEU A 38 -3.47 -10.62 5.10
C LEU A 38 -2.30 -9.79 4.52
N GLY A 39 -1.55 -9.15 5.42
CA GLY A 39 -0.38 -8.39 5.04
C GLY A 39 0.58 -9.29 4.31
N GLU A 40 0.84 -10.45 4.91
CA GLU A 40 1.81 -11.43 4.44
C GLU A 40 1.50 -11.92 3.02
N ARG A 41 0.22 -12.19 2.77
CA ARG A 41 -0.22 -12.76 1.49
C ARG A 41 -0.16 -11.72 0.39
N GLN A 42 -0.67 -10.53 0.68
CA GLN A 42 -0.72 -9.42 -0.27
C GLN A 42 0.69 -8.92 -0.61
N LEU A 43 1.63 -9.09 0.32
CA LEU A 43 3.04 -8.71 0.08
C LEU A 43 3.63 -9.55 -1.05
N VAL A 44 3.65 -10.87 -0.88
CA VAL A 44 3.97 -11.82 -1.94
C VAL A 44 3.42 -11.23 -3.24
N HIS A 45 2.12 -10.95 -3.24
CA HIS A 45 1.41 -10.42 -4.41
C HIS A 45 1.96 -9.07 -4.91
N VAL A 46 2.13 -8.10 -4.02
CA VAL A 46 2.81 -6.89 -4.47
C VAL A 46 4.21 -7.17 -5.13
N VAL A 47 4.92 -8.21 -4.67
CA VAL A 47 6.23 -8.63 -5.21
C VAL A 47 6.17 -9.17 -6.66
N LYS A 48 5.29 -10.15 -6.88
CA LYS A 48 5.08 -10.71 -8.20
C LYS A 48 4.46 -9.65 -9.14
N TRP A 49 3.65 -8.75 -8.58
CA TRP A 49 3.06 -7.63 -9.33
C TRP A 49 4.13 -6.67 -9.81
N ALA A 50 4.98 -6.26 -8.86
CA ALA A 50 6.02 -5.26 -9.08
C ALA A 50 7.11 -5.73 -10.04
N LYS A 51 7.49 -7.00 -9.94
CA LYS A 51 8.53 -7.56 -10.79
C LYS A 51 8.11 -7.47 -12.25
N ALA A 52 6.83 -7.73 -12.49
CA ALA A 52 6.24 -7.49 -13.79
C ALA A 52 5.93 -6.00 -14.18
N LEU A 53 6.24 -5.02 -13.33
CA LEU A 53 6.05 -3.63 -13.77
C LEU A 53 6.98 -3.33 -14.93
N PRO A 54 6.48 -2.53 -15.91
CA PRO A 54 7.34 -1.97 -16.95
C PRO A 54 8.49 -1.18 -16.34
N GLY A 55 9.68 -1.27 -16.93
CA GLY A 55 10.86 -0.54 -16.46
C GLY A 55 11.49 -1.00 -15.15
N PHE A 56 10.83 -1.93 -14.45
CA PHE A 56 11.24 -2.31 -13.11
C PHE A 56 12.62 -3.00 -13.03
N ARG A 57 12.92 -3.83 -14.02
CA ARG A 57 14.23 -4.48 -14.12
C ARG A 57 15.36 -3.53 -14.63
N ASN A 58 15.16 -2.21 -14.51
CA ASN A 58 16.21 -1.21 -14.76
C ASN A 58 16.95 -0.81 -13.48
N LEU A 59 16.36 -1.14 -12.33
CA LEU A 59 16.90 -0.78 -11.03
C LEU A 59 17.82 -1.87 -10.50
N HIS A 60 18.79 -1.46 -9.70
CA HIS A 60 19.63 -2.40 -8.95
C HIS A 60 18.76 -3.25 -8.04
N VAL A 61 19.06 -4.54 -8.00
CA VAL A 61 18.29 -5.53 -7.25
C VAL A 61 17.91 -5.03 -5.86
N ASP A 62 18.87 -4.37 -5.22
CA ASP A 62 18.72 -3.92 -3.84
C ASP A 62 17.73 -2.78 -3.79
N ASP A 63 17.75 -1.97 -4.85
CA ASP A 63 16.79 -0.87 -5.08
C ASP A 63 15.36 -1.37 -5.23
N GLN A 64 15.18 -2.34 -6.13
CA GLN A 64 13.93 -3.09 -6.27
C GLN A 64 13.39 -3.54 -4.89
N MET A 65 14.17 -4.38 -4.20
CA MET A 65 13.83 -4.90 -2.88
C MET A 65 13.46 -3.79 -1.90
N ALA A 66 14.30 -2.77 -1.86
CA ALA A 66 14.07 -1.65 -0.99
C ALA A 66 12.72 -0.98 -1.28
N VAL A 67 12.61 -0.50 -2.52
CA VAL A 67 11.50 0.31 -2.99
C VAL A 67 10.20 -0.39 -2.65
N ILE A 68 10.23 -1.72 -2.74
CA ILE A 68 9.08 -2.56 -2.42
C ILE A 68 8.75 -2.58 -0.91
N GLN A 69 9.75 -2.83 -0.07
CA GLN A 69 9.49 -2.98 1.34
C GLN A 69 9.03 -1.69 1.95
N TYR A 70 9.56 -0.59 1.44
CA TYR A 70 9.21 0.75 1.92
C TYR A 70 7.79 1.17 1.54
N SER A 71 7.34 0.76 0.35
CA SER A 71 6.07 1.25 -0.17
C SER A 71 4.86 0.32 -0.06
N TRP A 72 5.09 -0.91 0.39
CA TRP A 72 4.05 -1.96 0.44
C TRP A 72 2.82 -1.59 1.27
N MET A 73 3.04 -0.98 2.41
CA MET A 73 1.93 -0.55 3.23
C MET A 73 1.13 0.53 2.50
N GLY A 74 1.83 1.43 1.81
CA GLY A 74 1.22 2.53 1.08
C GLY A 74 0.32 2.03 -0.03
N LEU A 75 0.82 1.04 -0.76
CA LEU A 75 0.07 0.37 -1.83
C LEU A 75 -1.13 -0.40 -1.27
N MET A 76 -0.86 -1.20 -0.23
CA MET A 76 -1.86 -2.00 0.44
C MET A 76 -3.09 -1.17 0.73
N VAL A 77 -2.84 -0.05 1.40
CA VAL A 77 -3.84 0.98 1.70
C VAL A 77 -4.64 1.46 0.47
N PHE A 78 -3.95 1.76 -0.62
CA PHE A 78 -4.59 2.25 -1.81
C PHE A 78 -5.64 1.27 -2.42
N ALA A 79 -5.24 0.01 -2.62
CA ALA A 79 -6.08 -0.95 -3.33
C ALA A 79 -7.17 -1.41 -2.39
N MET A 80 -6.83 -1.37 -1.11
CA MET A 80 -7.78 -1.69 -0.09
C MET A 80 -8.92 -0.71 -0.32
N GLY A 81 -8.59 0.60 -0.30
CA GLY A 81 -9.54 1.69 -0.48
C GLY A 81 -10.32 1.71 -1.79
N TRP A 82 -9.68 1.30 -2.88
CA TRP A 82 -10.40 1.05 -4.11
C TRP A 82 -11.44 -0.07 -3.88
N ARG A 83 -10.97 -1.24 -3.40
CA ARG A 83 -11.81 -2.39 -3.03
C ARG A 83 -13.02 -1.99 -2.20
N SER A 84 -12.80 -1.15 -1.19
CA SER A 84 -13.88 -0.73 -0.32
C SER A 84 -14.81 0.22 -1.03
N PHE A 85 -14.26 1.04 -1.92
CA PHE A 85 -15.10 1.90 -2.73
C PHE A 85 -15.94 1.03 -3.66
N THR A 86 -15.26 0.19 -4.45
CA THR A 86 -15.91 -0.54 -5.53
C THR A 86 -16.92 -1.62 -5.09
N ASN A 87 -16.67 -2.31 -4.00
CA ASN A 87 -17.59 -3.37 -3.54
C ASN A 87 -18.75 -2.85 -2.74
N VAL A 88 -18.40 -2.05 -1.73
CA VAL A 88 -19.33 -1.62 -0.68
C VAL A 88 -19.54 -0.09 -0.72
N ASN A 89 -19.22 0.53 -1.85
CA ASN A 89 -19.37 1.97 -2.05
C ASN A 89 -18.84 2.84 -0.89
N SER A 90 -17.80 2.32 -0.23
CA SER A 90 -17.10 2.98 0.88
C SER A 90 -17.88 2.91 2.20
N ALA A 91 -18.87 2.04 2.28
CA ALA A 91 -19.65 1.91 3.52
C ALA A 91 -18.87 1.17 4.63
N MET A 92 -18.07 0.18 4.24
CA MET A 92 -17.22 -0.54 5.17
C MET A 92 -15.83 -0.74 4.58
N LEU A 93 -14.93 -1.35 5.38
CA LEU A 93 -13.55 -1.56 4.94
C LEU A 93 -13.31 -2.94 4.37
N TYR A 94 -12.94 -2.95 3.09
CA TYR A 94 -12.78 -4.19 2.36
C TYR A 94 -11.33 -4.60 2.22
N PHE A 95 -10.88 -5.31 3.25
CA PHE A 95 -9.55 -5.80 3.27
C PHE A 95 -9.46 -7.03 2.41
N ALA A 96 -10.48 -7.87 2.54
CA ALA A 96 -10.61 -9.10 1.80
C ALA A 96 -12.08 -9.50 1.92
N PRO A 97 -12.51 -10.48 1.10
CA PRO A 97 -13.91 -10.88 1.18
C PRO A 97 -14.21 -11.35 2.61
N ASP A 98 -13.37 -12.24 3.11
CA ASP A 98 -13.56 -12.88 4.41
C ASP A 98 -13.11 -12.00 5.58
N LEU A 99 -12.79 -10.73 5.31
CA LEU A 99 -12.31 -9.81 6.36
C LEU A 99 -12.69 -8.36 6.08
N VAL A 100 -14.00 -8.14 6.03
CA VAL A 100 -14.54 -6.80 5.80
C VAL A 100 -14.76 -6.14 7.14
N PHE A 101 -14.17 -4.98 7.36
CA PHE A 101 -14.38 -4.33 8.65
C PHE A 101 -15.69 -3.55 8.71
N ASN A 102 -16.34 -3.65 9.86
CA ASN A 102 -17.44 -2.77 10.25
C ASN A 102 -17.04 -1.95 11.47
N GLU A 103 -17.73 -0.85 11.71
CA GLU A 103 -17.35 0.04 12.81
C GLU A 103 -16.90 -0.78 14.03
N TYR A 104 -17.61 -1.87 14.30
CA TYR A 104 -17.32 -2.72 15.45
C TYR A 104 -15.93 -3.39 15.34
N ARG A 105 -15.66 -4.05 14.21
CA ARG A 105 -14.33 -4.58 13.96
C ARG A 105 -13.33 -3.42 13.94
N MET A 106 -13.75 -2.27 13.39
CA MET A 106 -12.94 -1.06 13.39
C MET A 106 -12.44 -0.68 14.78
N HIS A 107 -13.38 -0.56 15.72
CA HIS A 107 -13.04 -0.20 17.10
C HIS A 107 -12.39 -1.36 17.91
N LYS A 108 -12.79 -2.61 17.65
CA LYS A 108 -12.21 -3.77 18.36
C LYS A 108 -10.75 -4.11 17.97
N SER A 109 -10.42 -3.87 16.71
CA SER A 109 -9.06 -4.05 16.19
C SER A 109 -8.12 -2.99 16.72
N ARG A 110 -8.69 -1.95 17.30
CA ARG A 110 -7.96 -0.81 17.87
C ARG A 110 -7.29 0.09 16.83
N MET A 111 -7.85 0.18 15.63
CA MET A 111 -7.27 1.09 14.67
C MET A 111 -8.26 2.15 14.21
N TYR A 112 -9.22 2.46 15.08
CA TYR A 112 -10.35 3.30 14.72
C TYR A 112 -9.96 4.58 13.96
N SER A 113 -8.95 5.29 14.47
CA SER A 113 -8.49 6.53 13.85
C SER A 113 -7.98 6.32 12.43
N GLN A 114 -7.02 5.38 12.31
CA GLN A 114 -6.41 5.05 11.05
C GLN A 114 -7.47 4.49 10.16
N CYS A 115 -8.38 3.71 10.74
CA CYS A 115 -9.50 3.17 9.99
C CYS A 115 -10.40 4.27 9.48
N VAL A 116 -10.78 5.21 10.35
CA VAL A 116 -11.52 6.39 9.92
C VAL A 116 -10.83 7.03 8.73
N ARG A 117 -9.51 7.24 8.85
CA ARG A 117 -8.73 7.88 7.79
C ARG A 117 -8.88 7.14 6.44
N MET A 118 -8.66 5.82 6.44
CA MET A 118 -8.76 4.99 5.22
C MET A 118 -10.14 4.84 4.62
N ARG A 119 -11.17 5.08 5.43
CA ARG A 119 -12.55 5.11 4.94
C ARG A 119 -12.80 6.45 4.20
N HIS A 120 -12.16 7.50 4.69
CA HIS A 120 -12.18 8.79 4.05
C HIS A 120 -11.57 8.73 2.64
N LEU A 121 -10.47 8.00 2.53
CA LEU A 121 -9.79 7.75 1.26
C LEU A 121 -10.72 7.02 0.29
N SER A 122 -11.29 5.92 0.76
CA SER A 122 -12.20 5.10 -0.02
C SER A 122 -13.30 5.99 -0.62
N GLN A 123 -13.87 6.88 0.21
CA GLN A 123 -14.87 7.88 -0.22
C GLN A 123 -14.37 8.79 -1.34
N GLU A 124 -13.12 9.22 -1.21
CA GLU A 124 -12.50 10.08 -2.18
C GLU A 124 -12.46 9.45 -3.58
N PHE A 125 -12.44 8.13 -3.68
CA PHE A 125 -12.47 7.51 -5.00
C PHE A 125 -13.75 7.93 -5.69
N GLY A 126 -14.85 7.84 -4.93
CA GLY A 126 -16.18 8.23 -5.38
C GLY A 126 -16.37 9.72 -5.58
N TRP A 127 -16.00 10.54 -4.59
CA TRP A 127 -16.10 12.00 -4.68
C TRP A 127 -15.38 12.58 -5.89
N LEU A 128 -14.24 11.98 -6.25
CA LEU A 128 -13.41 12.49 -7.30
C LEU A 128 -13.59 11.69 -8.57
N GLN A 129 -14.57 10.79 -8.56
CA GLN A 129 -14.90 9.98 -9.73
C GLN A 129 -13.66 9.31 -10.39
N ILE A 130 -12.99 8.43 -9.64
CA ILE A 130 -11.74 7.82 -10.08
C ILE A 130 -11.96 6.63 -11.02
N THR A 131 -11.54 6.81 -12.27
CA THR A 131 -11.60 5.77 -13.30
C THR A 131 -10.66 4.59 -12.97
N PRO A 132 -11.01 3.37 -13.42
CA PRO A 132 -10.22 2.18 -13.10
C PRO A 132 -8.77 2.32 -13.56
N GLN A 133 -8.62 3.02 -14.68
CA GLN A 133 -7.33 3.22 -15.31
C GLN A 133 -6.54 4.32 -14.58
N GLU A 134 -7.23 5.33 -14.08
CA GLU A 134 -6.61 6.28 -13.17
C GLU A 134 -6.13 5.57 -11.90
N PHE A 135 -6.93 4.65 -11.37
CA PHE A 135 -6.56 3.88 -10.20
C PHE A 135 -5.25 3.08 -10.42
N LEU A 136 -5.16 2.35 -11.53
CA LEU A 136 -4.01 1.49 -11.79
C LEU A 136 -2.70 2.27 -11.94
N CYS A 137 -2.78 3.36 -12.69
CA CYS A 137 -1.61 4.19 -12.95
C CYS A 137 -1.17 4.96 -11.71
N MET A 138 -2.14 5.39 -10.91
CA MET A 138 -1.83 5.98 -9.61
C MET A 138 -1.12 4.94 -8.75
N LYS A 139 -1.67 3.73 -8.65
CA LYS A 139 -1.04 2.64 -7.88
C LYS A 139 0.43 2.38 -8.27
N ALA A 140 0.70 2.30 -9.58
CA ALA A 140 2.03 2.05 -10.13
C ALA A 140 3.06 3.03 -9.59
N LEU A 141 2.67 4.29 -9.49
CA LEU A 141 3.56 5.38 -9.05
C LEU A 141 3.92 5.36 -7.56
N LEU A 142 2.94 5.03 -6.72
CA LEU A 142 3.11 4.86 -5.27
C LEU A 142 4.32 4.01 -4.83
N LEU A 143 4.69 3.01 -5.65
CA LEU A 143 5.92 2.20 -5.46
C LEU A 143 7.19 3.05 -5.58
N PHE A 144 7.09 4.12 -6.38
CA PHE A 144 8.18 5.08 -6.64
C PHE A 144 8.03 6.37 -5.86
N SER A 145 7.39 6.29 -4.70
CA SER A 145 7.08 7.46 -3.91
C SER A 145 7.69 7.49 -2.53
N ILE A 146 8.86 6.87 -2.35
CA ILE A 146 9.41 6.66 -1.00
C ILE A 146 10.84 6.07 -0.97
N ILE A 147 11.80 6.91 -0.53
CA ILE A 147 13.26 6.68 -0.73
C ILE A 147 14.10 7.10 0.49
N PRO A 148 15.34 6.61 0.61
CA PRO A 148 16.11 7.13 1.74
C PRO A 148 16.66 8.50 1.41
N VAL A 149 16.58 9.41 2.38
CA VAL A 149 17.23 10.73 2.29
C VAL A 149 18.64 10.49 1.74
N ASP A 150 19.26 9.42 2.23
CA ASP A 150 20.56 8.88 1.78
C ASP A 150 20.60 8.64 0.27
N GLY A 151 19.49 8.14 -0.29
CA GLY A 151 19.40 7.84 -1.72
C GLY A 151 19.65 6.39 -2.08
N LEU A 152 19.09 5.99 -3.22
CA LEU A 152 19.17 4.62 -3.74
C LEU A 152 20.53 4.32 -4.34
N LYS A 153 20.80 3.03 -4.60
CA LYS A 153 22.08 2.60 -5.16
C LYS A 153 22.34 3.14 -6.58
N ASN A 154 21.40 2.89 -7.49
CA ASN A 154 21.32 3.60 -8.78
C ASN A 154 20.18 4.61 -8.79
N GLN A 155 20.45 5.82 -8.29
CA GLN A 155 19.45 6.86 -8.21
C GLN A 155 18.97 7.45 -9.56
N LYS A 156 19.84 7.48 -10.57
CA LYS A 156 19.48 8.00 -11.88
C LYS A 156 18.31 7.25 -12.50
N PHE A 157 18.43 5.93 -12.60
CA PHE A 157 17.38 5.03 -13.12
C PHE A 157 16.02 5.27 -12.44
N PHE A 158 16.02 5.31 -11.11
CA PHE A 158 14.81 5.59 -10.32
C PHE A 158 14.10 6.90 -10.74
N ASP A 159 14.83 8.02 -10.66
CA ASP A 159 14.40 9.33 -11.16
C ASP A 159 13.76 9.26 -12.54
N GLU A 160 14.39 8.48 -13.41
CA GLU A 160 13.98 8.32 -14.78
C GLU A 160 12.69 7.52 -14.78
N LEU A 161 12.75 6.33 -14.19
CA LEU A 161 11.64 5.43 -14.19
C LEU A 161 10.40 6.16 -13.69
N ARG A 162 10.59 6.89 -12.60
CA ARG A 162 9.50 7.62 -11.93
C ARG A 162 8.91 8.66 -12.85
N MET A 163 9.75 9.54 -13.36
CA MET A 163 9.38 10.55 -14.36
C MET A 163 8.45 10.04 -15.46
N ASN A 164 8.76 8.85 -15.99
CA ASN A 164 7.94 8.23 -17.00
C ASN A 164 6.60 7.76 -16.43
N TYR A 165 6.57 7.42 -15.14
CA TYR A 165 5.32 7.04 -14.47
C TYR A 165 4.36 8.20 -14.23
N ILE A 166 4.91 9.33 -13.77
CA ILE A 166 4.20 10.61 -13.74
C ILE A 166 3.71 10.99 -15.14
N LYS A 167 4.54 10.76 -16.15
CA LYS A 167 4.17 11.09 -17.50
C LYS A 167 2.95 10.29 -17.93
N GLU A 168 2.92 9.01 -17.58
CA GLU A 168 1.85 8.14 -18.06
C GLU A 168 0.51 8.50 -17.40
N LEU A 169 0.60 9.02 -16.19
CA LEU A 169 -0.57 9.45 -15.43
C LEU A 169 -1.14 10.71 -16.05
N ASP A 170 -0.25 11.62 -16.45
CA ASP A 170 -0.60 12.83 -17.18
C ASP A 170 -1.17 12.47 -18.55
N ARG A 171 -0.53 11.54 -19.26
CA ARG A 171 -1.04 11.00 -20.52
C ARG A 171 -2.45 10.41 -20.40
N ILE A 172 -2.71 9.61 -19.36
CA ILE A 172 -4.05 9.03 -19.15
C ILE A 172 -5.08 10.06 -18.67
N ILE A 173 -4.62 11.28 -18.41
CA ILE A 173 -5.49 12.42 -18.09
C ILE A 173 -5.72 13.27 -19.34
N ALA A 174 -4.62 13.71 -19.98
CA ALA A 174 -4.69 14.51 -21.21
C ALA A 174 -4.68 13.61 -22.46
N SER A 182 -8.98 22.66 -15.45
CA SER A 182 -9.54 22.39 -16.78
C SER A 182 -8.84 21.17 -17.39
N CYS A 183 -9.05 20.02 -16.72
CA CYS A 183 -8.19 18.82 -16.84
C CYS A 183 -6.97 19.01 -15.95
N SER A 184 -6.37 20.18 -16.04
CA SER A 184 -5.21 20.59 -15.25
C SER A 184 -5.49 20.39 -13.76
N ARG A 185 -6.71 20.72 -13.34
CA ARG A 185 -7.06 20.64 -11.93
C ARG A 185 -7.23 19.20 -11.51
N ARG A 186 -7.35 18.31 -12.49
CA ARG A 186 -7.43 16.86 -12.24
C ARG A 186 -6.12 16.35 -11.66
N PHE A 187 -5.01 16.83 -12.21
CA PHE A 187 -3.70 16.48 -11.70
C PHE A 187 -3.50 16.92 -10.25
N TYR A 188 -3.77 18.19 -9.93
CA TYR A 188 -3.57 18.69 -8.58
C TYR A 188 -4.37 17.84 -7.61
N GLN A 189 -5.53 17.38 -8.07
CA GLN A 189 -6.44 16.56 -7.27
C GLN A 189 -5.85 15.20 -7.04
N LEU A 190 -5.37 14.59 -8.13
CA LEU A 190 -4.83 13.24 -8.11
C LEU A 190 -3.51 13.17 -7.38
N THR A 191 -2.71 14.22 -7.51
CA THR A 191 -1.47 14.32 -6.77
C THR A 191 -1.78 14.61 -5.30
N LYS A 192 -2.82 15.40 -5.09
CA LYS A 192 -3.29 15.71 -3.76
C LYS A 192 -3.67 14.42 -3.05
N LEU A 193 -4.43 13.60 -3.79
CA LEU A 193 -4.96 12.34 -3.32
C LEU A 193 -3.85 11.35 -2.96
N LEU A 194 -2.89 11.12 -3.89
CA LEU A 194 -1.68 10.33 -3.59
C LEU A 194 -0.92 10.81 -2.36
N ASP A 195 -0.66 12.13 -2.32
CA ASP A 195 -0.05 12.75 -1.16
C ASP A 195 -0.73 12.36 0.16
N SER A 196 -2.05 12.23 0.15
CA SER A 196 -2.77 11.91 1.39
C SER A 196 -2.61 10.46 1.85
N VAL A 197 -2.16 9.59 0.93
CA VAL A 197 -1.81 8.19 1.26
C VAL A 197 -0.64 8.10 2.26
N GLN A 198 0.30 9.03 2.16
CA GLN A 198 1.51 8.91 2.96
C GLN A 198 1.28 9.03 4.49
N PRO A 199 0.50 10.04 4.97
CA PRO A 199 0.13 10.12 6.42
C PRO A 199 -0.48 8.83 6.98
N ILE A 200 -1.36 8.21 6.21
CA ILE A 200 -2.07 7.03 6.68
C ILE A 200 -1.12 5.82 6.83
N ALA A 201 -0.27 5.63 5.82
CA ALA A 201 0.74 4.60 5.85
C ALA A 201 1.70 4.80 7.06
N ARG A 202 1.99 6.05 7.41
CA ARG A 202 2.81 6.32 8.60
C ARG A 202 2.11 5.94 9.89
N GLU A 203 0.84 6.32 10.01
CA GLU A 203 0.07 5.96 11.18
C GLU A 203 0.05 4.43 11.34
N LEU A 204 -0.11 3.73 10.22
CA LEU A 204 -0.20 2.29 10.25
C LEU A 204 1.13 1.64 10.55
N HIS A 205 2.18 2.24 9.98
CA HIS A 205 3.55 1.86 10.34
C HIS A 205 3.77 1.87 11.85
N GLN A 206 3.42 2.99 12.49
CA GLN A 206 3.51 3.16 13.94
C GLN A 206 2.79 2.08 14.75
N PHE A 207 1.57 1.75 14.35
CA PHE A 207 0.69 0.88 15.13
C PHE A 207 1.16 -0.57 15.05
N ALA A 208 1.53 -0.96 13.83
CA ALA A 208 2.12 -2.27 13.57
C ALA A 208 3.44 -2.37 14.29
N PHE A 209 4.20 -1.29 14.23
CA PHE A 209 5.46 -1.23 14.94
C PHE A 209 5.26 -1.45 16.44
N ASP A 210 4.44 -0.59 17.05
CA ASP A 210 4.02 -0.76 18.43
C ASP A 210 3.55 -2.19 18.62
N LEU A 211 2.58 -2.57 17.80
CA LEU A 211 1.95 -3.85 17.96
C LEU A 211 3.01 -4.92 18.00
N LEU A 212 3.97 -4.87 17.06
CA LEU A 212 4.98 -5.92 16.95
C LEU A 212 5.72 -6.08 18.25
N ILE A 213 6.16 -4.95 18.80
CA ILE A 213 6.93 -4.94 20.02
C ILE A 213 6.15 -5.57 21.17
N LYS A 214 4.88 -5.19 21.32
CA LYS A 214 4.09 -5.72 22.45
C LYS A 214 3.49 -7.11 22.19
N SER A 215 3.79 -7.68 21.01
CA SER A 215 3.07 -8.84 20.48
C SER A 215 3.25 -10.20 21.20
N HIS A 216 4.44 -10.49 21.72
CA HIS A 216 4.64 -11.68 22.54
C HIS A 216 3.80 -11.57 23.80
N MET A 217 3.47 -10.33 24.16
CA MET A 217 2.77 -10.02 25.39
C MET A 217 1.32 -9.55 25.18
N VAL A 218 0.74 -9.84 24.00
CA VAL A 218 -0.70 -9.69 23.73
C VAL A 218 -1.28 -10.86 22.91
N SER A 219 -0.41 -11.78 22.50
CA SER A 219 -0.78 -13.00 21.74
C SER A 219 -1.27 -12.82 20.28
N VAL A 220 -0.61 -11.94 19.50
CA VAL A 220 -0.88 -11.72 18.07
C VAL A 220 0.20 -12.35 17.16
N ASP A 221 -0.21 -13.02 16.08
CA ASP A 221 0.74 -13.80 15.25
C ASP A 221 1.42 -12.99 14.16
N PHE A 222 2.75 -12.91 14.26
CA PHE A 222 3.57 -12.21 13.27
C PHE A 222 4.35 -13.13 12.35
N PRO A 223 3.81 -13.38 11.14
CA PRO A 223 4.43 -14.23 10.12
C PRO A 223 5.91 -13.89 9.87
N GLU A 224 6.65 -14.88 9.38
CA GLU A 224 8.06 -14.73 9.01
C GLU A 224 8.39 -13.36 8.41
N MET A 225 7.90 -13.13 7.20
CA MET A 225 8.17 -11.92 6.44
C MET A 225 7.71 -10.63 7.14
N MET A 226 6.65 -10.77 7.95
CA MET A 226 6.08 -9.68 8.71
C MET A 226 7.06 -9.09 9.71
N ALA A 227 7.46 -9.93 10.65
CA ALA A 227 8.39 -9.60 11.72
C ALA A 227 9.70 -8.98 11.24
N GLU A 228 10.18 -9.44 10.08
CA GLU A 228 11.44 -8.92 9.56
C GLU A 228 11.26 -7.50 8.99
N ILE A 229 10.33 -7.33 8.03
CA ILE A 229 10.14 -6.03 7.37
C ILE A 229 9.84 -4.92 8.37
N ILE A 230 8.98 -5.23 9.32
CA ILE A 230 8.58 -4.27 10.34
C ILE A 230 9.69 -3.81 11.26
N SER A 231 10.58 -4.73 11.62
CA SER A 231 11.63 -4.46 12.60
C SER A 231 12.88 -3.91 11.96
N VAL A 232 13.06 -4.19 10.67
CA VAL A 232 14.26 -3.75 9.95
C VAL A 232 14.06 -2.45 9.14
N GLN A 233 13.04 -2.44 8.28
CA GLN A 233 12.81 -1.35 7.29
C GLN A 233 11.80 -0.29 7.73
N VAL A 234 10.74 -0.72 8.40
CA VAL A 234 9.78 0.23 8.98
C VAL A 234 10.48 1.24 9.91
N PRO A 235 11.28 0.77 10.90
CA PRO A 235 11.90 1.79 11.78
C PRO A 235 12.59 2.93 11.01
N LYS A 236 13.13 2.60 9.82
CA LYS A 236 13.90 3.57 9.03
C LYS A 236 13.02 4.77 8.71
N ILE A 237 11.86 4.47 8.12
CA ILE A 237 10.83 5.44 7.87
C ILE A 237 10.49 6.27 9.10
N LEU A 238 10.14 5.61 10.19
CA LEU A 238 9.76 6.31 11.41
C LEU A 238 10.89 7.14 12.05
N SER A 239 12.15 6.86 11.69
CA SER A 239 13.25 7.68 12.22
C SER A 239 13.68 8.85 11.31
N GLY A 240 13.01 9.01 10.17
CA GLY A 240 13.28 10.12 9.26
C GLY A 240 14.31 9.79 8.19
N LYS A 241 14.97 8.64 8.35
CA LYS A 241 15.95 8.16 7.38
C LYS A 241 15.34 7.92 6.00
N VAL A 242 14.08 7.51 6.00
CA VAL A 242 13.40 7.26 4.75
C VAL A 242 12.13 8.08 4.69
N LYS A 243 12.06 8.95 3.67
CA LYS A 243 10.98 9.94 3.49
C LYS A 243 10.11 9.57 2.31
N PRO A 244 8.83 10.02 2.32
CA PRO A 244 8.07 9.94 1.07
C PRO A 244 8.29 11.19 0.20
N ILE A 245 8.24 10.96 -1.11
CA ILE A 245 8.17 12.03 -2.09
C ILE A 245 6.77 12.64 -2.16
N TYR A 246 6.66 13.91 -1.76
CA TYR A 246 5.42 14.63 -1.90
C TYR A 246 5.38 15.52 -3.12
N PHE A 247 4.20 15.63 -3.71
CA PHE A 247 3.94 16.49 -4.86
C PHE A 247 3.79 17.93 -4.45
N HIS A 248 2.92 18.16 -3.48
CA HIS A 248 2.74 19.50 -2.93
C HIS A 248 3.47 19.58 -1.60
N THR A 249 3.54 20.80 -1.08
CA THR A 249 4.28 21.09 0.14
C THR A 249 3.35 21.55 1.25
N SER B 3 19.20 -10.77 4.34
CA SER B 3 17.76 -10.97 4.72
C SER B 3 17.21 -12.34 4.31
N SER B 4 16.06 -12.69 4.88
CA SER B 4 15.24 -13.76 4.33
C SER B 4 14.34 -13.21 3.23
N PHE B 5 14.33 -11.88 3.10
CA PHE B 5 13.75 -11.16 1.96
C PHE B 5 14.65 -11.29 0.72
N ARG B 6 15.93 -10.92 0.86
CA ARG B 6 16.91 -11.05 -0.22
C ARG B 6 16.89 -12.46 -0.83
N ASP B 7 16.61 -13.46 0.01
CA ASP B 7 16.74 -14.88 -0.35
C ASP B 7 15.63 -15.45 -1.28
N TRP B 8 14.38 -15.07 -1.02
CA TRP B 8 13.25 -15.55 -1.83
C TRP B 8 12.98 -14.63 -3.03
N TYR B 9 13.56 -13.43 -2.99
CA TYR B 9 13.53 -12.52 -4.12
C TYR B 9 14.58 -12.90 -5.19
F1 HFT C . -4.15 -1.43 5.79
C7 HFT C . -4.29 -2.20 4.69
F2 HFT C . -3.48 -1.82 3.72
F3 HFT C . -5.52 -2.12 4.21
C3 HFT C . -3.99 -3.64 5.04
C2 HFT C . -3.25 -3.90 6.19
C4 HFT C . -4.44 -4.80 4.19
N1 HFT C . -5.18 -4.66 3.02
O2 HFT C . -6.44 -5.24 2.93
O1 HFT C . -4.76 -4.04 2.05
C5 HFT C . -4.09 -6.09 4.62
C6 HFT C . -3.36 -6.27 5.78
C1 HFT C . -2.93 -5.19 6.56
N9 HFT C . -2.20 -5.45 7.69
C10 HFT C . -1.63 -4.56 8.53
O10 HFT C . -1.79 -3.36 8.46
C11 HFT C . -0.76 -5.08 9.67
C12 HFT C . 0.75 -5.21 9.46
C13 HFT C . -1.48 -5.69 10.87
O11 HFT C . -0.76 -6.42 9.13
#